data_4IZC
#
_entry.id   4IZC
#
_cell.length_a   117.630
_cell.length_b   117.630
_cell.length_c   117.630
_cell.angle_alpha   90.00
_cell.angle_beta   90.00
_cell.angle_gamma   90.00
#
_symmetry.space_group_name_H-M   'P 21 3'
#
loop_
_entity.id
_entity.type
_entity.pdbx_description
1 polymer 'Enoyl-CoA hydratase/isomerase family protein'
2 non-polymer methylthioacryloyl-CoA
3 water water
#
_entity_poly.entity_id   1
_entity_poly.type   'polypeptide(L)'
_entity_poly.pdbx_seq_one_letter_code
;MTQDVTSGYSNLDLDLRDNGVCVVTLNRPDKRNALDVATIEELVTFFSTAHRKGVRAVVLTGAGDHFCAGLDLVEHWKAD
RSADDFMHVCLRWHEAFNKMEYGGVPIIAALRGAVVGGGLALASAAHLRVMDQSTYFALPEGQRGIFTGGGATIRVSDMI
GKYRMIDMILTGRVYQGQEAADLGLAQYITEGSSFDKAMELADKIASNLPLTNFAICSAISHMQNMSGLDAAYAEAFVGG
IVNTQPAARERLEAFANKTAARVRPNSLEHHHHHH
;
_entity_poly.pdbx_strand_id   A,B
#
# COMPACT_ATOMS: atom_id res chain seq x y z
N GLN A 3 23.16 0.17 -13.65
CA GLN A 3 21.96 0.73 -14.37
C GLN A 3 20.65 0.23 -13.80
N ASP A 4 20.69 -0.93 -13.17
CA ASP A 4 19.50 -1.55 -12.58
C ASP A 4 18.84 -0.69 -11.51
N VAL A 5 19.64 0.09 -10.79
CA VAL A 5 19.14 0.98 -9.73
C VAL A 5 18.95 2.42 -10.23
N THR A 6 19.91 2.93 -11.01
CA THR A 6 19.88 4.32 -11.45
C THR A 6 19.17 4.71 -12.76
N SER A 7 18.96 3.77 -13.67
CA SER A 7 18.28 4.14 -14.91
C SER A 7 16.77 4.02 -14.76
N GLY A 8 16.04 4.68 -15.66
CA GLY A 8 14.58 4.60 -15.63
C GLY A 8 13.83 5.79 -15.11
N TYR A 9 14.54 6.87 -14.80
CA TYR A 9 13.90 8.06 -14.26
C TYR A 9 14.22 9.27 -15.10
N SER A 10 13.24 10.15 -15.27
CA SER A 10 13.44 11.37 -16.07
C SER A 10 13.53 12.61 -15.19
N ASN A 11 12.71 12.64 -14.13
CA ASN A 11 12.70 13.79 -13.24
C ASN A 11 13.61 13.65 -12.01
N LEU A 12 14.16 12.45 -11.82
CA LEU A 12 15.08 12.20 -10.71
C LEU A 12 16.46 11.93 -11.26
N ASP A 13 17.50 12.36 -10.55
CA ASP A 13 18.86 12.09 -10.98
C ASP A 13 19.41 11.18 -9.88
N LEU A 14 19.95 10.03 -10.26
CA LEU A 14 20.46 9.08 -9.27
C LEU A 14 21.94 8.78 -9.36
N ASP A 15 22.57 8.64 -8.20
CA ASP A 15 24.00 8.33 -8.11
C ASP A 15 24.19 7.27 -7.03
N LEU A 16 24.49 6.04 -7.44
CA LEU A 16 24.68 4.95 -6.49
C LEU A 16 26.15 4.82 -6.10
N ARG A 17 26.43 5.02 -4.82
CA ARG A 17 27.80 4.96 -4.32
C ARG A 17 28.18 3.51 -4.03
N ASP A 18 29.47 3.24 -3.98
CA ASP A 18 29.93 1.87 -3.75
C ASP A 18 29.50 1.21 -2.45
N ASN A 19 29.15 1.99 -1.42
CA ASN A 19 28.72 1.38 -0.17
C ASN A 19 27.20 1.21 -0.08
N GLY A 20 26.52 1.42 -1.19
CA GLY A 20 25.07 1.24 -1.22
C GLY A 20 24.25 2.47 -0.91
N VAL A 21 24.91 3.61 -0.70
CA VAL A 21 24.16 4.84 -0.46
C VAL A 21 23.77 5.37 -1.83
N CYS A 22 22.49 5.64 -2.03
CA CYS A 22 22.06 6.14 -3.32
C CYS A 22 21.60 7.60 -3.17
N VAL A 23 22.19 8.51 -3.95
CA VAL A 23 21.76 9.90 -3.88
C VAL A 23 20.61 10.03 -4.87
N VAL A 24 19.48 10.46 -4.38
CA VAL A 24 18.29 10.68 -5.21
C VAL A 24 18.08 12.19 -5.27
N THR A 25 18.33 12.80 -6.43
CA THR A 25 18.21 14.24 -6.57
C THR A 25 16.99 14.62 -7.41
N LEU A 26 16.09 15.41 -6.81
CA LEU A 26 14.91 15.88 -7.55
C LEU A 26 15.56 16.72 -8.63
N ASN A 27 15.19 16.51 -9.89
CA ASN A 27 15.88 17.24 -10.95
C ASN A 27 15.11 18.09 -11.95
N ARG A 28 14.30 19.02 -11.44
CA ARG A 28 13.59 19.98 -12.28
C ARG A 28 13.94 21.32 -11.63
N PRO A 29 15.24 21.66 -11.58
CA PRO A 29 15.65 22.91 -10.96
C PRO A 29 15.02 24.14 -11.57
N ASP A 30 14.74 24.08 -12.87
CA ASP A 30 14.13 25.20 -13.57
C ASP A 30 12.71 25.47 -13.05
N LYS A 31 12.09 24.47 -12.43
CA LYS A 31 10.76 24.66 -11.86
C LYS A 31 10.83 24.51 -10.34
N ARG A 32 12.03 24.67 -9.80
CA ARG A 32 12.27 24.57 -8.36
C ARG A 32 11.77 23.24 -7.79
N ASN A 33 11.92 22.19 -8.61
CA ASN A 33 11.58 20.82 -8.25
C ASN A 33 10.13 20.55 -7.86
N ALA A 34 9.23 21.37 -8.41
CA ALA A 34 7.79 21.22 -8.17
C ALA A 34 7.47 19.77 -8.49
N LEU A 35 6.60 19.18 -7.69
CA LEU A 35 6.25 17.78 -7.88
C LEU A 35 5.00 17.60 -8.74
N ASP A 36 5.19 17.15 -9.99
CA ASP A 36 4.07 16.89 -10.89
C ASP A 36 3.78 15.39 -10.82
N VAL A 37 2.67 14.95 -11.41
CA VAL A 37 2.30 13.54 -11.33
C VAL A 37 3.38 12.60 -11.83
N ALA A 38 4.09 12.98 -12.88
CA ALA A 38 5.15 12.15 -13.41
C ALA A 38 6.29 11.95 -12.39
N THR A 39 6.67 13.01 -11.68
CA THR A 39 7.75 12.91 -10.70
C THR A 39 7.27 12.01 -9.54
N ILE A 40 6.03 12.20 -9.12
CA ILE A 40 5.48 11.38 -8.05
C ILE A 40 5.53 9.90 -8.46
N GLU A 41 5.15 9.59 -9.69
CA GLU A 41 5.19 8.18 -10.12
C GLU A 41 6.61 7.64 -10.10
N GLU A 42 7.60 8.49 -10.35
CA GLU A 42 8.98 8.01 -10.32
C GLU A 42 9.38 7.71 -8.88
N LEU A 43 8.90 8.54 -7.96
CA LEU A 43 9.19 8.31 -6.54
C LEU A 43 8.49 7.00 -6.11
N VAL A 44 7.30 6.74 -6.62
CA VAL A 44 6.62 5.48 -6.29
C VAL A 44 7.50 4.30 -6.74
N THR A 45 7.92 4.36 -7.99
CA THR A 45 8.77 3.30 -8.53
C THR A 45 10.08 3.12 -7.74
N PHE A 46 10.81 4.21 -7.52
CA PHE A 46 12.09 4.07 -6.81
C PHE A 46 11.92 3.50 -5.41
N PHE A 47 10.99 4.07 -4.65
CA PHE A 47 10.85 3.60 -3.28
C PHE A 47 10.11 2.29 -3.07
N SER A 48 9.52 1.76 -4.14
CA SER A 48 8.84 0.46 -4.09
C SER A 48 9.89 -0.62 -4.28
N THR A 49 10.97 -0.30 -4.98
CA THR A 49 12.01 -1.30 -5.28
C THR A 49 13.37 -1.16 -4.63
N ALA A 50 13.66 0.00 -4.03
CA ALA A 50 14.96 0.25 -3.44
C ALA A 50 15.44 -0.84 -2.48
N HIS A 51 14.58 -1.28 -1.57
CA HIS A 51 14.98 -2.31 -0.62
C HIS A 51 15.41 -3.60 -1.33
N ARG A 52 14.56 -4.11 -2.21
CA ARG A 52 14.88 -5.35 -2.91
C ARG A 52 16.02 -5.21 -3.92
N LYS A 53 16.32 -3.97 -4.35
CA LYS A 53 17.44 -3.75 -5.28
C LYS A 53 18.76 -3.60 -4.54
N GLY A 54 18.71 -3.66 -3.21
CA GLY A 54 19.93 -3.56 -2.42
C GLY A 54 20.40 -2.19 -1.93
N VAL A 55 19.59 -1.15 -2.15
CA VAL A 55 19.97 0.19 -1.69
C VAL A 55 20.05 0.16 -0.17
N ARG A 56 21.14 0.63 0.40
CA ARG A 56 21.35 0.59 1.84
C ARG A 56 20.89 1.83 2.58
N ALA A 57 20.85 2.96 1.86
CA ALA A 57 20.39 4.22 2.44
C ALA A 57 20.26 5.20 1.30
N VAL A 58 19.41 6.21 1.47
CA VAL A 58 19.17 7.21 0.44
C VAL A 58 19.45 8.62 0.94
N VAL A 59 20.15 9.44 0.15
CA VAL A 59 20.34 10.85 0.51
C VAL A 59 19.47 11.55 -0.52
N LEU A 60 18.40 12.17 -0.03
CA LEU A 60 17.43 12.85 -0.87
C LEU A 60 17.67 14.36 -0.90
N THR A 61 17.82 14.93 -2.09
CA THR A 61 18.09 16.36 -2.19
C THR A 61 17.41 16.94 -3.41
N GLY A 62 17.38 18.27 -3.50
CA GLY A 62 16.79 18.92 -4.64
C GLY A 62 17.88 19.63 -5.42
N ALA A 63 17.88 19.49 -6.75
CA ALA A 63 18.88 20.16 -7.58
C ALA A 63 18.64 21.66 -7.48
N GLY A 64 19.70 22.47 -7.40
CA GLY A 64 19.48 23.90 -7.31
C GLY A 64 19.54 24.47 -5.89
N ASP A 65 19.08 25.70 -5.72
CA ASP A 65 19.14 26.37 -4.41
C ASP A 65 17.95 26.06 -3.51
N HIS A 66 16.92 25.41 -4.05
CA HIS A 66 15.70 25.10 -3.31
C HIS A 66 15.34 23.63 -3.37
N PHE A 67 15.18 23.01 -2.20
CA PHE A 67 14.84 21.61 -2.12
C PHE A 67 13.61 21.25 -2.95
N CYS A 68 12.47 21.88 -2.66
CA CYS A 68 11.25 21.56 -3.39
C CYS A 68 10.15 22.59 -3.17
N ALA A 69 9.67 23.17 -4.27
CA ALA A 69 8.64 24.21 -4.22
C ALA A 69 7.22 23.71 -4.01
N GLY A 70 7.07 22.39 -3.82
CA GLY A 70 5.76 21.80 -3.57
C GLY A 70 5.05 21.15 -4.76
N LEU A 71 3.75 20.95 -4.63
CA LEU A 71 2.97 20.37 -5.71
C LEU A 71 3.06 21.31 -6.93
N ASP A 72 3.14 20.73 -8.12
CA ASP A 72 3.23 21.51 -9.35
C ASP A 72 1.87 22.19 -9.61
N LEU A 73 1.75 23.45 -9.22
CA LEU A 73 0.51 24.21 -9.37
C LEU A 73 0.20 24.61 -10.81
N VAL A 74 1.21 24.64 -11.65
CA VAL A 74 1.02 24.96 -13.05
C VAL A 74 0.26 23.79 -13.68
N GLU A 75 0.74 22.58 -13.42
CA GLU A 75 0.09 21.39 -13.96
C GLU A 75 -1.33 21.28 -13.39
N HIS A 76 -1.47 21.58 -12.10
CA HIS A 76 -2.78 21.51 -11.44
C HIS A 76 -3.77 22.48 -12.11
N TRP A 77 -3.37 23.73 -12.25
CA TRP A 77 -4.23 24.73 -12.88
C TRP A 77 -4.61 24.33 -14.32
N LYS A 78 -3.64 23.90 -15.10
CA LYS A 78 -3.90 23.48 -16.48
C LYS A 78 -4.82 22.26 -16.57
N ALA A 79 -4.61 21.28 -15.69
CA ALA A 79 -5.43 20.07 -15.74
C ALA A 79 -6.89 20.30 -15.38
N ASP A 80 -7.19 21.35 -14.61
CA ASP A 80 -8.57 21.66 -14.22
C ASP A 80 -9.25 20.36 -13.76
N ARG A 81 -8.66 19.77 -12.73
CA ARG A 81 -9.14 18.50 -12.19
C ARG A 81 -10.46 18.52 -11.45
N SER A 82 -11.20 17.42 -11.58
CA SER A 82 -12.46 17.28 -10.85
C SER A 82 -12.03 16.79 -9.45
N ALA A 83 -12.94 16.80 -8.50
CA ALA A 83 -12.64 16.34 -7.15
C ALA A 83 -12.12 14.89 -7.16
N ASP A 84 -12.77 14.02 -7.93
CA ASP A 84 -12.28 12.64 -7.95
C ASP A 84 -10.94 12.52 -8.67
N ASP A 85 -10.71 13.30 -9.72
CA ASP A 85 -9.42 13.24 -10.41
C ASP A 85 -8.33 13.61 -9.42
N PHE A 86 -8.56 14.68 -8.66
CA PHE A 86 -7.52 15.09 -7.72
C PHE A 86 -7.38 14.16 -6.52
N MET A 87 -8.48 13.54 -6.11
CA MET A 87 -8.40 12.58 -5.00
C MET A 87 -7.45 11.47 -5.46
N HIS A 88 -7.57 11.04 -6.73
CA HIS A 88 -6.69 10.00 -7.22
C HIS A 88 -5.24 10.44 -7.27
N VAL A 89 -5.00 11.71 -7.64
CA VAL A 89 -3.64 12.22 -7.65
C VAL A 89 -3.12 12.16 -6.20
N CYS A 90 -3.95 12.52 -5.24
CA CYS A 90 -3.48 12.50 -3.84
C CYS A 90 -3.09 11.10 -3.40
N LEU A 91 -3.83 10.08 -3.84
CA LEU A 91 -3.48 8.71 -3.46
C LEU A 91 -2.12 8.32 -4.03
N ARG A 92 -1.74 8.88 -5.18
CA ARG A 92 -0.44 8.54 -5.73
C ARG A 92 0.67 9.15 -4.88
N TRP A 93 0.43 10.36 -4.38
CA TRP A 93 1.39 11.03 -3.51
C TRP A 93 1.58 10.17 -2.26
N HIS A 94 0.47 9.67 -1.71
CA HIS A 94 0.57 8.83 -0.51
C HIS A 94 1.29 7.52 -0.79
N GLU A 95 1.06 6.93 -1.96
CA GLU A 95 1.75 5.70 -2.29
C GLU A 95 3.26 5.94 -2.26
N ALA A 96 3.71 7.04 -2.86
CA ALA A 96 5.14 7.32 -2.86
C ALA A 96 5.68 7.56 -1.46
N PHE A 97 5.01 8.43 -0.70
CA PHE A 97 5.48 8.80 0.64
C PHE A 97 5.34 7.68 1.66
N ASN A 98 4.32 6.82 1.51
CA ASN A 98 4.16 5.68 2.41
C ASN A 98 5.28 4.67 2.14
N LYS A 99 5.67 4.51 0.87
CA LYS A 99 6.76 3.57 0.53
C LYS A 99 8.07 4.10 1.11
N MET A 100 8.20 5.42 1.15
CA MET A 100 9.37 6.03 1.75
C MET A 100 9.38 5.78 3.27
N GLU A 101 8.30 6.15 3.94
CA GLU A 101 8.26 5.99 5.40
C GLU A 101 8.30 4.55 5.94
N TYR A 102 7.54 3.65 5.33
CA TYR A 102 7.48 2.27 5.81
C TYR A 102 8.29 1.27 5.01
N GLY A 103 8.97 1.74 3.97
CA GLY A 103 9.75 0.86 3.09
C GLY A 103 10.97 0.19 3.68
N GLY A 104 11.48 0.72 4.78
CA GLY A 104 12.63 0.09 5.42
C GLY A 104 14.01 0.49 4.92
N VAL A 105 14.06 1.44 3.98
CA VAL A 105 15.36 1.94 3.50
C VAL A 105 15.56 3.31 4.14
N PRO A 106 16.60 3.48 4.96
CA PRO A 106 16.86 4.78 5.61
C PRO A 106 16.97 5.92 4.61
N ILE A 107 16.21 6.99 4.82
CA ILE A 107 16.24 8.16 3.93
C ILE A 107 16.65 9.39 4.74
N ILE A 108 17.67 10.10 4.25
CA ILE A 108 18.20 11.28 4.91
C ILE A 108 18.07 12.42 3.89
N ALA A 109 17.26 13.43 4.22
CA ALA A 109 17.06 14.53 3.29
C ALA A 109 18.04 15.67 3.53
N ALA A 110 18.72 16.09 2.46
CA ALA A 110 19.66 17.19 2.58
C ALA A 110 18.92 18.42 2.05
N LEU A 111 18.45 19.24 2.97
CA LEU A 111 17.65 20.42 2.64
C LEU A 111 18.45 21.69 2.39
N ARG A 112 17.91 22.52 1.50
CA ARG A 112 18.47 23.81 1.16
C ARG A 112 17.29 24.67 0.74
N GLY A 113 17.35 25.97 1.04
CA GLY A 113 16.29 26.87 0.62
C GLY A 113 14.88 26.48 0.98
N ALA A 114 13.95 26.73 0.05
CA ALA A 114 12.52 26.46 0.27
C ALA A 114 12.13 24.99 0.40
N VAL A 115 11.47 24.68 1.51
CA VAL A 115 10.95 23.32 1.79
C VAL A 115 9.51 23.72 2.09
N VAL A 116 8.73 23.87 1.03
CA VAL A 116 7.39 24.38 1.18
C VAL A 116 6.25 23.55 0.59
N GLY A 117 5.12 23.61 1.27
CA GLY A 117 3.93 22.88 0.84
C GLY A 117 4.22 21.40 0.64
N GLY A 118 3.92 20.88 -0.54
CA GLY A 118 4.20 19.48 -0.83
C GLY A 118 5.67 19.14 -0.68
N GLY A 119 6.53 20.17 -0.68
CA GLY A 119 7.96 19.97 -0.52
C GLY A 119 8.24 19.63 0.93
N LEU A 120 7.46 20.22 1.84
CA LEU A 120 7.62 19.89 3.26
C LEU A 120 7.03 18.49 3.46
N ALA A 121 5.96 18.16 2.74
CA ALA A 121 5.40 16.80 2.85
C ALA A 121 6.47 15.78 2.43
N LEU A 122 7.18 16.06 1.34
CA LEU A 122 8.22 15.15 0.86
C LEU A 122 9.33 15.02 1.91
N ALA A 123 9.80 16.15 2.42
CA ALA A 123 10.88 16.14 3.40
C ALA A 123 10.48 15.34 4.65
N SER A 124 9.21 15.43 5.02
CA SER A 124 8.71 14.76 6.21
C SER A 124 8.61 13.25 6.05
N ALA A 125 8.59 12.81 4.80
CA ALA A 125 8.53 11.38 4.47
C ALA A 125 9.89 10.70 4.65
N ALA A 126 10.94 11.50 4.82
CA ALA A 126 12.26 10.95 5.07
C ALA A 126 12.34 10.64 6.57
N HIS A 127 13.29 9.81 6.98
CA HIS A 127 13.45 9.52 8.39
C HIS A 127 14.20 10.65 9.06
N LEU A 128 15.29 11.09 8.41
CA LEU A 128 16.13 12.18 8.94
C LEU A 128 16.17 13.36 7.99
N ARG A 129 16.26 14.57 8.56
CA ARG A 129 16.35 15.80 7.78
C ARG A 129 17.55 16.61 8.28
N VAL A 130 18.35 17.11 7.33
CA VAL A 130 19.50 17.96 7.65
C VAL A 130 19.23 19.31 6.95
N MET A 131 19.19 20.40 7.71
CA MET A 131 18.92 21.71 7.13
C MET A 131 20.17 22.58 7.21
N ASP A 132 20.28 23.57 6.32
CA ASP A 132 21.43 24.48 6.37
C ASP A 132 20.94 25.88 6.72
N GLN A 133 21.83 26.86 6.68
CA GLN A 133 21.46 28.22 7.04
C GLN A 133 20.54 28.95 6.06
N SER A 134 20.25 28.34 4.92
CA SER A 134 19.38 28.96 3.93
C SER A 134 18.00 28.34 3.91
N THR A 135 17.86 27.23 4.63
CA THR A 135 16.63 26.44 4.63
C THR A 135 15.49 27.07 5.42
N TYR A 136 14.28 27.06 4.84
CA TYR A 136 13.08 27.54 5.53
C TYR A 136 11.89 26.64 5.19
N PHE A 137 10.93 26.60 6.11
CA PHE A 137 9.77 25.71 6.02
C PHE A 137 8.47 26.50 6.12
N ALA A 138 7.51 26.13 5.27
CA ALA A 138 6.22 26.77 5.29
C ALA A 138 5.20 25.96 4.50
N LEU A 139 3.92 26.21 4.77
CA LEU A 139 2.79 25.59 4.06
C LEU A 139 2.02 26.81 3.57
N PRO A 140 2.57 27.53 2.59
CA PRO A 140 1.94 28.74 2.06
C PRO A 140 0.66 28.58 1.25
N GLU A 141 0.42 27.37 0.77
CA GLU A 141 -0.75 27.09 -0.07
C GLU A 141 -2.09 27.37 0.60
N GLY A 142 -2.13 27.27 1.94
CA GLY A 142 -3.36 27.52 2.66
C GLY A 142 -3.94 28.90 2.38
N GLN A 143 -3.06 29.89 2.25
CA GLN A 143 -3.51 31.25 1.98
C GLN A 143 -4.18 31.35 0.62
N ARG A 144 -3.88 30.43 -0.28
CA ARG A 144 -4.52 30.47 -1.60
C ARG A 144 -5.62 29.42 -1.71
N GLY A 145 -6.14 29.01 -0.56
CA GLY A 145 -7.24 28.07 -0.51
C GLY A 145 -6.95 26.59 -0.64
N ILE A 146 -5.68 26.22 -0.66
CA ILE A 146 -5.27 24.82 -0.80
C ILE A 146 -4.96 24.10 0.53
N PHE A 147 -5.42 22.86 0.65
CA PHE A 147 -5.16 22.04 1.85
C PHE A 147 -3.97 21.15 1.48
N THR A 148 -2.85 21.29 2.18
CA THR A 148 -1.64 20.48 1.89
C THR A 148 -1.88 18.98 1.85
N GLY A 149 -1.30 18.30 0.86
CA GLY A 149 -1.44 16.86 0.72
C GLY A 149 -0.17 16.10 1.06
N GLY A 150 0.00 14.90 0.53
CA GLY A 150 1.21 14.14 0.82
C GLY A 150 1.34 13.72 2.27
N GLY A 151 0.25 13.81 3.03
CA GLY A 151 0.32 13.39 4.43
C GLY A 151 1.10 14.32 5.35
N ALA A 152 1.26 15.58 4.93
CA ALA A 152 1.95 16.54 5.78
C ALA A 152 1.20 16.68 7.10
N THR A 153 -0.13 16.66 7.06
CA THR A 153 -0.89 16.80 8.31
C THR A 153 -0.55 15.66 9.25
N ILE A 154 -0.16 14.52 8.69
CA ILE A 154 0.18 13.37 9.50
C ILE A 154 1.62 13.44 10.03
N ARG A 155 2.55 13.59 9.11
CA ARG A 155 3.95 13.57 9.50
C ARG A 155 4.45 14.83 10.21
N VAL A 156 4.01 15.99 9.73
CA VAL A 156 4.46 17.23 10.39
C VAL A 156 3.88 17.29 11.81
N SER A 157 2.68 16.74 12.01
CA SER A 157 2.13 16.74 13.38
C SER A 157 3.05 15.90 14.29
N ASP A 158 3.57 14.79 13.76
CA ASP A 158 4.47 13.95 14.56
C ASP A 158 5.78 14.69 14.79
N MET A 159 6.22 15.46 13.79
CA MET A 159 7.48 16.20 13.90
C MET A 159 7.43 17.39 14.86
N ILE A 160 6.39 18.20 14.75
CA ILE A 160 6.34 19.41 15.57
C ILE A 160 5.13 19.56 16.51
N GLY A 161 4.21 18.60 16.46
CA GLY A 161 3.00 18.68 17.27
C GLY A 161 1.80 19.11 16.45
N LYS A 162 0.67 18.45 16.66
CA LYS A 162 -0.56 18.76 15.94
C LYS A 162 -0.91 20.25 15.91
N TYR A 163 -0.82 20.92 17.05
CA TYR A 163 -1.19 22.32 17.07
C TYR A 163 -0.21 23.25 16.35
N ARG A 164 1.07 22.89 16.27
CA ARG A 164 2.02 23.73 15.54
C ARG A 164 1.78 23.47 14.04
N MET A 165 1.37 22.25 13.71
CA MET A 165 1.10 21.93 12.32
C MET A 165 -0.15 22.70 11.89
N ILE A 166 -1.15 22.77 12.76
CA ILE A 166 -2.40 23.48 12.42
C ILE A 166 -2.06 24.97 12.23
N ASP A 167 -1.22 25.49 13.10
CA ASP A 167 -0.78 26.88 13.01
C ASP A 167 -0.11 27.11 11.63
N MET A 168 0.84 26.25 11.24
CA MET A 168 1.49 26.46 9.94
C MET A 168 0.54 26.50 8.74
N ILE A 169 -0.41 25.58 8.68
CA ILE A 169 -1.30 25.57 7.52
C ILE A 169 -2.37 26.67 7.61
N LEU A 170 -2.81 26.97 8.83
CA LEU A 170 -3.83 28.01 9.01
C LEU A 170 -3.31 29.45 8.80
N THR A 171 -2.05 29.71 9.13
CA THR A 171 -1.50 31.06 9.01
C THR A 171 -0.37 31.25 7.99
N GLY A 172 0.18 30.15 7.48
CA GLY A 172 1.28 30.27 6.53
C GLY A 172 2.60 30.64 7.20
N ARG A 173 2.64 30.51 8.53
CA ARG A 173 3.82 30.83 9.32
C ARG A 173 5.09 30.15 8.83
N VAL A 174 6.18 30.92 8.76
CA VAL A 174 7.45 30.40 8.26
C VAL A 174 8.43 30.15 9.41
N TYR A 175 9.18 29.05 9.31
CA TYR A 175 10.20 28.72 10.31
C TYR A 175 11.53 28.50 9.61
N GLN A 176 12.62 28.93 10.24
CA GLN A 176 13.94 28.75 9.67
C GLN A 176 14.99 28.77 10.76
N GLY A 177 16.24 28.51 10.37
CA GLY A 177 17.33 28.54 11.31
C GLY A 177 17.22 27.62 12.50
N GLN A 178 17.90 27.98 13.58
CA GLN A 178 17.89 27.18 14.80
C GLN A 178 16.47 27.01 15.34
N GLU A 179 15.62 28.03 15.17
CA GLU A 179 14.26 27.93 15.66
C GLU A 179 13.53 26.74 15.01
N ALA A 180 13.72 26.55 13.70
CA ALA A 180 13.08 25.44 12.99
C ALA A 180 13.61 24.09 13.49
N ALA A 181 14.92 23.98 13.66
CA ALA A 181 15.50 22.74 14.16
C ALA A 181 14.94 22.43 15.56
N ASP A 182 14.93 23.43 16.44
CA ASP A 182 14.41 23.23 17.80
C ASP A 182 12.93 22.87 17.81
N LEU A 183 12.21 23.33 16.79
CA LEU A 183 10.77 23.07 16.71
C LEU A 183 10.51 21.60 16.36
N GLY A 184 11.47 20.98 15.69
CA GLY A 184 11.27 19.60 15.29
C GLY A 184 11.16 19.43 13.77
N LEU A 185 11.46 20.49 13.00
CA LEU A 185 11.37 20.36 11.54
C LEU A 185 12.54 19.58 10.93
N ALA A 186 13.66 19.56 11.66
CA ALA A 186 14.84 18.83 11.20
C ALA A 186 15.68 18.43 12.41
N GLN A 187 16.22 17.22 12.40
CA GLN A 187 17.04 16.75 13.52
C GLN A 187 18.45 17.33 13.49
N TYR A 188 18.91 17.73 12.30
CA TYR A 188 20.26 18.26 12.18
C TYR A 188 20.29 19.58 11.47
N ILE A 189 21.07 20.53 12.00
CA ILE A 189 21.23 21.82 11.34
C ILE A 189 22.74 22.04 11.22
N THR A 190 23.18 22.48 10.05
CA THR A 190 24.61 22.68 9.84
C THR A 190 24.95 24.09 9.39
N GLU A 191 26.17 24.52 9.71
CA GLU A 191 26.64 25.83 9.30
C GLU A 191 27.28 25.67 7.91
N GLY A 192 27.54 24.44 7.52
CA GLY A 192 28.13 24.18 6.21
C GLY A 192 27.16 23.51 5.25
N SER A 193 27.67 22.51 4.54
CA SER A 193 26.90 21.77 3.55
C SER A 193 25.92 20.77 4.14
N SER A 194 24.63 20.91 3.86
CA SER A 194 23.70 19.92 4.40
C SER A 194 23.90 18.62 3.62
N PHE A 195 24.30 18.72 2.35
CA PHE A 195 24.53 17.50 1.58
C PHE A 195 25.68 16.68 2.20
N ASP A 196 26.80 17.34 2.52
CA ASP A 196 27.92 16.62 3.12
C ASP A 196 27.57 16.01 4.48
N LYS A 197 26.77 16.70 5.28
CA LYS A 197 26.40 16.18 6.59
C LYS A 197 25.47 14.98 6.38
N ALA A 198 24.53 15.08 5.45
CA ALA A 198 23.64 13.97 5.16
C ALA A 198 24.42 12.74 4.69
N MET A 199 25.48 12.95 3.88
CA MET A 199 26.31 11.83 3.39
C MET A 199 27.07 11.19 4.54
N GLU A 200 27.51 12.01 5.48
CA GLU A 200 28.22 11.49 6.64
C GLU A 200 27.27 10.57 7.40
N LEU A 201 26.04 11.03 7.60
CA LEU A 201 25.03 10.24 8.31
C LEU A 201 24.70 8.97 7.54
N ALA A 202 24.51 9.10 6.23
CA ALA A 202 24.16 7.96 5.40
C ALA A 202 25.26 6.92 5.35
N ASP A 203 26.52 7.33 5.27
CA ASP A 203 27.62 6.36 5.22
C ASP A 203 27.69 5.54 6.53
N LYS A 204 27.45 6.20 7.65
CA LYS A 204 27.49 5.49 8.93
C LYS A 204 26.32 4.51 8.99
N ILE A 205 25.13 4.99 8.64
CA ILE A 205 23.95 4.13 8.64
C ILE A 205 24.14 2.93 7.69
N ALA A 206 24.76 3.17 6.53
CA ALA A 206 24.96 2.10 5.56
C ALA A 206 25.93 1.02 6.07
N SER A 207 26.75 1.37 7.05
CA SER A 207 27.71 0.40 7.59
C SER A 207 27.05 -0.47 8.66
N ASN A 208 25.79 -0.19 8.97
CA ASN A 208 25.11 -1.03 9.94
C ASN A 208 24.38 -2.21 9.28
N LEU A 209 23.83 -3.12 10.08
CA LEU A 209 23.17 -4.30 9.53
C LEU A 209 21.89 -3.97 8.77
N PRO A 210 21.73 -4.55 7.56
CA PRO A 210 20.55 -4.34 6.70
C PRO A 210 19.21 -4.54 7.42
N LEU A 211 19.10 -5.66 8.13
CA LEU A 211 17.88 -6.00 8.83
C LEU A 211 17.57 -5.04 9.97
N THR A 212 18.60 -4.68 10.73
CA THR A 212 18.40 -3.78 11.84
C THR A 212 17.88 -2.43 11.32
N ASN A 213 18.52 -1.90 10.27
CA ASN A 213 18.06 -0.65 9.67
C ASN A 213 16.64 -0.85 9.11
N PHE A 214 16.38 -2.00 8.50
CA PHE A 214 15.06 -2.24 7.94
C PHE A 214 13.98 -2.13 9.02
N ALA A 215 14.22 -2.77 10.17
CA ALA A 215 13.26 -2.73 11.28
C ALA A 215 13.12 -1.31 11.83
N ILE A 216 14.24 -0.64 12.05
CA ILE A 216 14.19 0.73 12.53
C ILE A 216 13.36 1.61 11.60
N CYS A 217 13.56 1.41 10.29
CA CYS A 217 12.88 2.24 9.31
C CYS A 217 11.50 1.80 8.82
N SER A 218 10.86 0.87 9.51
CA SER A 218 9.52 0.45 9.13
C SER A 218 8.66 0.14 10.36
N ALA A 219 9.23 -0.54 11.35
CA ALA A 219 8.46 -0.95 12.53
C ALA A 219 8.08 0.15 13.49
N ILE A 220 8.95 1.14 13.65
CA ILE A 220 8.64 2.22 14.56
C ILE A 220 7.43 3.00 14.08
N SER A 221 7.38 3.31 12.80
CA SER A 221 6.21 4.02 12.26
C SER A 221 4.94 3.19 12.41
N HIS A 222 5.04 1.88 12.15
CA HIS A 222 3.87 1.01 12.29
C HIS A 222 3.44 0.95 13.77
N MET A 223 4.38 0.82 14.70
CA MET A 223 3.99 0.73 16.10
C MET A 223 3.37 2.01 16.65
N GLN A 224 3.76 3.15 16.10
CA GLN A 224 3.20 4.40 16.55
C GLN A 224 1.72 4.53 16.16
N ASN A 225 1.26 3.68 15.23
CA ASN A 225 -0.14 3.71 14.79
C ASN A 225 -1.03 2.81 15.68
N MET A 226 -0.42 2.15 16.63
CA MET A 226 -1.11 1.21 17.50
C MET A 226 -1.19 1.70 18.94
N SER A 227 -2.07 1.07 19.72
CA SER A 227 -2.11 1.35 21.15
C SER A 227 -0.75 0.84 21.68
N GLY A 228 -0.18 1.53 22.67
CA GLY A 228 1.09 1.07 23.19
C GLY A 228 1.08 -0.35 23.75
N LEU A 229 -0.08 -0.80 24.21
CA LEU A 229 -0.20 -2.14 24.77
C LEU A 229 -0.12 -3.23 23.71
N ASP A 230 -0.56 -2.93 22.47
CA ASP A 230 -0.44 -3.92 21.40
C ASP A 230 0.90 -3.75 20.68
N ALA A 231 1.40 -2.52 20.64
CA ALA A 231 2.70 -2.27 20.00
C ALA A 231 3.77 -3.04 20.77
N ALA A 232 3.59 -3.15 22.08
CA ALA A 232 4.56 -3.86 22.91
C ALA A 232 4.74 -5.30 22.42
N TYR A 233 3.62 -5.95 22.15
CA TYR A 233 3.67 -7.34 21.70
C TYR A 233 4.35 -7.45 20.33
N ALA A 234 3.98 -6.56 19.41
CA ALA A 234 4.61 -6.57 18.09
C ALA A 234 6.10 -6.35 18.23
N GLU A 235 6.49 -5.45 19.14
CA GLU A 235 7.91 -5.13 19.33
C GLU A 235 8.73 -6.32 19.78
N ALA A 236 8.11 -7.19 20.59
CA ALA A 236 8.80 -8.37 21.06
C ALA A 236 9.17 -9.27 19.90
N PHE A 237 8.31 -9.34 18.90
CA PHE A 237 8.61 -10.18 17.74
C PHE A 237 9.67 -9.49 16.85
N VAL A 238 9.62 -8.18 16.76
CA VAL A 238 10.63 -7.46 15.98
C VAL A 238 11.98 -7.70 16.69
N GLY A 239 12.01 -7.50 18.00
CA GLY A 239 13.26 -7.71 18.72
C GLY A 239 13.73 -9.14 18.60
N GLY A 240 12.77 -10.08 18.62
CA GLY A 240 13.12 -11.48 18.55
C GLY A 240 13.85 -11.83 17.26
N ILE A 241 13.40 -11.27 16.15
CA ILE A 241 14.04 -11.54 14.87
C ILE A 241 15.34 -10.74 14.70
N VAL A 242 15.28 -9.45 14.97
CA VAL A 242 16.47 -8.62 14.76
C VAL A 242 17.65 -8.95 15.67
N ASN A 243 17.37 -9.17 16.95
CA ASN A 243 18.44 -9.35 17.93
C ASN A 243 19.07 -10.71 18.06
N THR A 244 18.60 -11.67 17.27
CA THR A 244 19.18 -13.02 17.31
C THR A 244 19.76 -13.38 15.95
N GLN A 245 19.89 -12.39 15.08
CA GLN A 245 20.45 -12.65 13.76
C GLN A 245 21.94 -12.99 13.93
N PRO A 246 22.45 -13.91 13.11
CA PRO A 246 23.87 -14.32 13.19
C PRO A 246 24.85 -13.16 13.05
N ALA A 247 24.55 -12.22 12.16
CA ALA A 247 25.42 -11.08 11.94
C ALA A 247 25.52 -10.18 13.19
N ALA A 248 24.46 -10.15 13.98
CA ALA A 248 24.45 -9.34 15.21
C ALA A 248 25.29 -10.01 16.28
N ARG A 249 25.17 -11.33 16.38
CA ARG A 249 25.93 -12.07 17.37
C ARG A 249 27.42 -11.80 17.14
N GLU A 250 27.82 -11.88 15.88
CA GLU A 250 29.21 -11.63 15.53
C GLU A 250 29.66 -10.27 16.05
N ARG A 251 28.81 -9.26 15.87
CA ARG A 251 29.18 -7.92 16.32
C ARG A 251 29.29 -7.82 17.84
N LEU A 252 28.47 -8.58 18.56
CA LEU A 252 28.54 -8.55 20.02
C LEU A 252 29.90 -9.11 20.39
N GLU A 253 30.26 -10.22 19.75
CA GLU A 253 31.52 -10.88 19.99
C GLU A 253 32.65 -9.93 19.56
N THR B 2 -4.40 -3.95 -25.39
CA THR B 2 -4.84 -5.24 -26.03
C THR B 2 -4.00 -6.44 -25.63
N GLN B 3 -2.95 -6.20 -24.85
CA GLN B 3 -2.05 -7.27 -24.37
C GLN B 3 -1.19 -6.75 -23.22
N ASP B 4 -1.29 -5.46 -23.01
CA ASP B 4 -0.61 -4.68 -21.99
C ASP B 4 -0.95 -5.18 -20.58
N VAL B 5 -2.21 -5.53 -20.40
CA VAL B 5 -2.68 -6.01 -19.10
C VAL B 5 -2.40 -7.49 -18.83
N THR B 6 -2.39 -8.29 -19.90
CA THR B 6 -2.26 -9.73 -19.77
C THR B 6 -0.94 -10.39 -20.17
N SER B 7 0.00 -9.60 -20.67
CA SER B 7 1.29 -10.16 -21.11
C SER B 7 2.39 -10.08 -20.06
N GLY B 8 3.39 -10.94 -20.17
CA GLY B 8 4.51 -10.88 -19.24
C GLY B 8 4.41 -11.68 -17.97
N TYR B 9 3.35 -12.47 -17.81
CA TYR B 9 3.16 -13.29 -16.63
C TYR B 9 3.44 -14.75 -16.96
N SER B 10 3.48 -15.59 -15.92
CA SER B 10 3.76 -17.00 -16.12
C SER B 10 2.96 -17.88 -15.15
N ASN B 11 3.06 -17.60 -13.86
CA ASN B 11 2.32 -18.41 -12.89
C ASN B 11 0.84 -18.05 -12.95
N LEU B 12 0.56 -16.85 -13.44
CA LEU B 12 -0.83 -16.42 -13.57
C LEU B 12 -1.23 -16.41 -15.03
N ASP B 13 -2.48 -16.80 -15.28
CA ASP B 13 -2.99 -16.74 -16.64
C ASP B 13 -4.03 -15.63 -16.53
N LEU B 14 -4.02 -14.71 -17.50
CA LEU B 14 -4.94 -13.57 -17.44
C LEU B 14 -5.74 -13.45 -18.72
N ASP B 15 -7.04 -13.18 -18.57
CA ASP B 15 -7.93 -13.03 -19.70
C ASP B 15 -8.79 -11.78 -19.51
N LEU B 16 -8.54 -10.75 -20.32
CA LEU B 16 -9.30 -9.51 -20.21
C LEU B 16 -10.47 -9.46 -21.18
N ARG B 17 -11.69 -9.45 -20.64
CA ARG B 17 -12.91 -9.43 -21.44
C ARG B 17 -13.20 -8.03 -21.95
N ASP B 18 -14.01 -7.92 -23.00
CA ASP B 18 -14.33 -6.63 -23.57
C ASP B 18 -14.97 -5.61 -22.64
N ASN B 19 -15.65 -6.06 -21.58
CA ASN B 19 -16.27 -5.12 -20.67
C ASN B 19 -15.35 -4.74 -19.50
N GLY B 20 -14.07 -5.08 -19.60
CA GLY B 20 -13.13 -4.71 -18.56
C GLY B 20 -13.01 -5.68 -17.40
N VAL B 21 -13.69 -6.82 -17.48
CA VAL B 21 -13.58 -7.83 -16.44
C VAL B 21 -12.35 -8.66 -16.79
N CYS B 22 -11.42 -8.80 -15.84
CA CYS B 22 -10.24 -9.59 -16.11
C CYS B 22 -10.26 -10.87 -15.29
N VAL B 23 -10.15 -12.03 -15.96
CA VAL B 23 -10.12 -13.29 -15.24
C VAL B 23 -8.65 -13.60 -14.93
N VAL B 24 -8.36 -13.72 -13.63
CA VAL B 24 -7.01 -14.01 -13.15
C VAL B 24 -7.03 -15.43 -12.59
N THR B 25 -6.30 -16.33 -13.24
CA THR B 25 -6.27 -17.73 -12.85
C THR B 25 -4.91 -18.20 -12.33
N LEU B 26 -4.88 -18.70 -11.09
CA LEU B 26 -3.62 -19.22 -10.56
C LEU B 26 -3.41 -20.41 -11.50
N ASN B 27 -2.21 -20.52 -12.09
CA ASN B 27 -1.97 -21.58 -13.06
C ASN B 27 -0.84 -22.57 -12.77
N ARG B 28 -0.87 -23.20 -11.60
CA ARG B 28 0.10 -24.24 -11.24
C ARG B 28 -0.76 -25.36 -10.66
N PRO B 29 -1.73 -25.85 -11.46
CA PRO B 29 -2.61 -26.93 -10.97
C PRO B 29 -1.92 -28.19 -10.46
N ASP B 30 -0.79 -28.57 -11.05
CA ASP B 30 -0.09 -29.77 -10.61
C ASP B 30 0.52 -29.59 -9.24
N LYS B 31 0.53 -28.35 -8.75
CA LYS B 31 1.06 -28.05 -7.42
C LYS B 31 -0.11 -27.49 -6.59
N ARG B 32 -1.32 -27.65 -7.10
CA ARG B 32 -2.53 -27.19 -6.44
C ARG B 32 -2.47 -25.68 -6.18
N ASN B 33 -1.85 -24.99 -7.13
CA ASN B 33 -1.71 -23.52 -7.10
C ASN B 33 -1.06 -22.95 -5.83
N ALA B 34 -0.13 -23.73 -5.26
CA ALA B 34 0.57 -23.28 -4.07
C ALA B 34 1.27 -21.95 -4.37
N LEU B 35 1.23 -21.04 -3.41
CA LEU B 35 1.82 -19.74 -3.61
C LEU B 35 3.30 -19.70 -3.21
N ASP B 36 4.18 -19.75 -4.21
CA ASP B 36 5.60 -19.64 -3.98
C ASP B 36 5.97 -18.18 -4.18
N VAL B 37 7.21 -17.79 -3.91
CA VAL B 37 7.56 -16.38 -4.02
C VAL B 37 7.34 -15.77 -5.41
N ALA B 38 7.59 -16.54 -6.45
CA ALA B 38 7.42 -16.04 -7.81
C ALA B 38 5.96 -15.68 -8.10
N THR B 39 5.04 -16.55 -7.67
CA THR B 39 3.63 -16.30 -7.90
C THR B 39 3.15 -15.08 -7.13
N ILE B 40 3.66 -14.91 -5.90
CA ILE B 40 3.28 -13.75 -5.09
C ILE B 40 3.76 -12.47 -5.79
N GLU B 41 4.96 -12.49 -6.36
CA GLU B 41 5.45 -11.30 -7.04
C GLU B 41 4.56 -10.95 -8.24
N GLU B 42 4.04 -11.96 -8.94
CA GLU B 42 3.13 -11.66 -10.05
C GLU B 42 1.84 -11.05 -9.54
N LEU B 43 1.34 -11.52 -8.39
CA LEU B 43 0.12 -10.93 -7.86
C LEU B 43 0.40 -9.47 -7.45
N VAL B 44 1.59 -9.22 -6.88
CA VAL B 44 1.96 -7.85 -6.52
C VAL B 44 1.92 -6.98 -7.78
N THR B 45 2.56 -7.47 -8.83
CA THR B 45 2.59 -6.69 -10.07
C THR B 45 1.21 -6.42 -10.65
N PHE B 46 0.37 -7.45 -10.70
CA PHE B 46 -0.94 -7.28 -11.28
C PHE B 46 -1.86 -6.34 -10.50
N PHE B 47 -1.97 -6.56 -9.19
CA PHE B 47 -2.86 -5.72 -8.41
C PHE B 47 -2.34 -4.33 -8.12
N SER B 48 -1.04 -4.12 -8.30
CA SER B 48 -0.47 -2.80 -8.11
C SER B 48 -0.90 -1.86 -9.23
N THR B 49 -1.16 -2.41 -10.42
CA THR B 49 -1.53 -1.58 -11.55
C THR B 49 -2.90 -1.80 -12.15
N ALA B 50 -3.68 -2.75 -11.63
CA ALA B 50 -4.97 -3.03 -12.25
C ALA B 50 -5.93 -1.84 -12.33
N HIS B 51 -6.01 -1.03 -11.28
CA HIS B 51 -6.90 0.12 -11.33
C HIS B 51 -6.47 1.11 -12.42
N ARG B 52 -5.21 1.53 -12.42
CA ARG B 52 -4.75 2.48 -13.43
C ARG B 52 -4.81 1.92 -14.85
N LYS B 53 -4.77 0.59 -14.98
CA LYS B 53 -4.85 -0.02 -16.30
C LYS B 53 -6.29 -0.08 -16.84
N GLY B 54 -7.25 0.29 -16.00
CA GLY B 54 -8.63 0.28 -16.46
C GLY B 54 -9.43 -0.99 -16.23
N VAL B 55 -8.86 -1.92 -15.48
CA VAL B 55 -9.59 -3.15 -15.18
C VAL B 55 -10.81 -2.77 -14.32
N ARG B 56 -12.00 -3.23 -14.72
CA ARG B 56 -13.23 -2.87 -14.02
C ARG B 56 -13.64 -3.82 -12.89
N ALA B 57 -13.24 -5.09 -13.02
CA ALA B 57 -13.53 -6.11 -12.02
C ALA B 57 -12.61 -7.27 -12.31
N VAL B 58 -12.31 -8.05 -11.29
CA VAL B 58 -11.44 -9.20 -11.41
C VAL B 58 -12.18 -10.45 -10.95
N VAL B 59 -12.10 -11.53 -11.73
CA VAL B 59 -12.67 -12.81 -11.29
C VAL B 59 -11.40 -13.62 -11.06
N LEU B 60 -11.13 -13.94 -9.80
CA LEU B 60 -9.96 -14.69 -9.37
C LEU B 60 -10.31 -16.16 -9.18
N THR B 61 -9.54 -17.04 -9.81
CA THR B 61 -9.85 -18.46 -9.72
C THR B 61 -8.58 -19.30 -9.79
N GLY B 62 -8.71 -20.60 -9.57
CA GLY B 62 -7.56 -21.47 -9.65
C GLY B 62 -7.77 -22.52 -10.73
N ALA B 63 -6.73 -22.79 -11.50
CA ALA B 63 -6.82 -23.82 -12.54
C ALA B 63 -6.93 -25.17 -11.85
N GLY B 64 -7.64 -26.12 -12.46
CA GLY B 64 -7.73 -27.41 -11.81
C GLY B 64 -8.88 -27.56 -10.84
N ASP B 65 -8.77 -28.56 -9.97
CA ASP B 65 -9.85 -28.86 -9.02
C ASP B 65 -9.78 -28.16 -7.68
N HIS B 66 -8.68 -27.47 -7.41
CA HIS B 66 -8.52 -26.81 -6.12
C HIS B 66 -8.06 -25.36 -6.26
N PHE B 67 -8.83 -24.45 -5.66
CA PHE B 67 -8.51 -23.03 -5.71
C PHE B 67 -7.05 -22.72 -5.36
N CYS B 68 -6.63 -23.02 -4.13
CA CYS B 68 -5.26 -22.71 -3.72
C CYS B 68 -4.91 -23.43 -2.43
N ALA B 69 -3.80 -24.17 -2.46
CA ALA B 69 -3.32 -24.94 -1.31
C ALA B 69 -2.51 -24.12 -0.30
N GLY B 70 -2.38 -22.82 -0.54
CA GLY B 70 -1.64 -21.97 0.37
C GLY B 70 -0.16 -21.82 0.09
N LEU B 71 0.60 -21.48 1.13
CA LEU B 71 2.06 -21.30 1.02
C LEU B 71 2.66 -22.52 0.35
N ASP B 72 3.63 -22.31 -0.53
CA ASP B 72 4.30 -23.45 -1.17
C ASP B 72 5.21 -24.00 -0.09
N LEU B 73 4.75 -25.09 0.54
CA LEU B 73 5.44 -25.72 1.66
C LEU B 73 6.75 -26.38 1.34
N VAL B 74 6.86 -26.85 0.10
CA VAL B 74 8.07 -27.52 -0.35
C VAL B 74 9.16 -26.49 -0.58
N GLU B 75 8.84 -25.40 -1.27
CA GLU B 75 9.81 -24.32 -1.49
C GLU B 75 10.25 -23.81 -0.12
N HIS B 76 9.28 -23.65 0.78
CA HIS B 76 9.59 -23.14 2.12
C HIS B 76 10.51 -24.09 2.90
N TRP B 77 10.15 -25.37 2.91
CA TRP B 77 10.95 -26.36 3.60
C TRP B 77 12.37 -26.42 3.04
N LYS B 78 12.47 -26.51 1.71
CA LYS B 78 13.77 -26.59 1.06
C LYS B 78 14.65 -25.38 1.29
N ALA B 79 14.06 -24.19 1.25
CA ALA B 79 14.81 -22.96 1.44
C ALA B 79 15.45 -22.85 2.83
N ASP B 80 14.90 -23.57 3.82
CA ASP B 80 15.41 -23.54 5.19
C ASP B 80 15.69 -22.09 5.58
N ARG B 81 14.64 -21.27 5.47
CA ARG B 81 14.72 -19.85 5.75
C ARG B 81 15.01 -19.40 7.15
N SER B 82 15.65 -18.23 7.27
CA SER B 82 15.93 -17.61 8.56
C SER B 82 14.62 -16.88 8.89
N ALA B 83 14.45 -16.47 10.14
CA ALA B 83 13.25 -15.75 10.53
C ALA B 83 13.11 -14.46 9.72
N ASP B 84 14.21 -13.74 9.53
CA ASP B 84 14.10 -12.51 8.77
C ASP B 84 13.80 -12.78 7.30
N ASP B 85 14.40 -13.82 6.72
CA ASP B 85 14.10 -14.16 5.32
C ASP B 85 12.59 -14.37 5.15
N PHE B 86 12.01 -15.16 6.06
CA PHE B 86 10.59 -15.45 5.92
C PHE B 86 9.70 -14.27 6.28
N MET B 87 10.12 -13.45 7.24
CA MET B 87 9.33 -12.26 7.58
C MET B 87 9.24 -11.44 6.28
N HIS B 88 10.35 -11.35 5.53
CA HIS B 88 10.35 -10.57 4.28
C HIS B 88 9.42 -11.19 3.24
N VAL B 89 9.35 -12.52 3.22
CA VAL B 89 8.45 -13.18 2.28
C VAL B 89 7.01 -12.79 2.65
N CYS B 90 6.71 -12.79 3.95
CA CYS B 90 5.35 -12.44 4.38
C CYS B 90 5.00 -11.01 4.00
N LEU B 91 5.99 -10.11 4.06
CA LEU B 91 5.70 -8.74 3.65
C LEU B 91 5.32 -8.66 2.17
N ARG B 92 5.89 -9.55 1.32
CA ARG B 92 5.54 -9.53 -0.10
C ARG B 92 4.09 -10.02 -0.25
N TRP B 93 3.70 -11.00 0.56
CA TRP B 93 2.31 -11.46 0.48
C TRP B 93 1.40 -10.27 0.80
N HIS B 94 1.76 -9.51 1.83
CA HIS B 94 0.92 -8.36 2.21
C HIS B 94 0.84 -7.31 1.15
N GLU B 95 1.95 -7.06 0.46
CA GLU B 95 1.92 -6.05 -0.59
C GLU B 95 0.88 -6.45 -1.63
N ALA B 96 0.81 -7.74 -1.95
CA ALA B 96 -0.17 -8.19 -2.93
C ALA B 96 -1.60 -8.15 -2.39
N PHE B 97 -1.80 -8.76 -1.23
CA PHE B 97 -3.13 -8.85 -0.64
C PHE B 97 -3.69 -7.50 -0.19
N ASN B 98 -2.85 -6.60 0.32
CA ASN B 98 -3.32 -5.27 0.71
C ASN B 98 -3.73 -4.51 -0.56
N LYS B 99 -3.00 -4.73 -1.65
CA LYS B 99 -3.36 -4.06 -2.90
C LYS B 99 -4.71 -4.59 -3.40
N MET B 100 -4.97 -5.87 -3.18
CA MET B 100 -6.24 -6.45 -3.55
C MET B 100 -7.36 -5.81 -2.73
N GLU B 101 -7.19 -5.79 -1.40
CA GLU B 101 -8.24 -5.25 -0.55
C GLU B 101 -8.49 -3.75 -0.62
N TYR B 102 -7.42 -2.96 -0.68
CA TYR B 102 -7.57 -1.50 -0.67
C TYR B 102 -7.40 -0.82 -2.02
N GLY B 103 -7.05 -1.63 -3.02
CA GLY B 103 -6.79 -1.10 -4.36
C GLY B 103 -7.93 -0.45 -5.12
N GLY B 104 -9.16 -0.78 -4.79
CA GLY B 104 -10.27 -0.13 -5.47
C GLY B 104 -10.85 -0.90 -6.65
N VAL B 105 -10.28 -2.05 -6.97
CA VAL B 105 -10.82 -2.85 -8.08
C VAL B 105 -11.60 -4.04 -7.50
N PRO B 106 -12.89 -4.14 -7.83
CA PRO B 106 -13.74 -5.23 -7.33
C PRO B 106 -13.16 -6.59 -7.67
N ILE B 107 -13.00 -7.45 -6.66
CA ILE B 107 -12.46 -8.78 -6.93
C ILE B 107 -13.47 -9.82 -6.44
N ILE B 108 -13.80 -10.78 -7.32
CA ILE B 108 -14.75 -11.83 -6.98
C ILE B 108 -14.02 -13.16 -7.14
N ALA B 109 -13.87 -13.92 -6.05
CA ALA B 109 -13.16 -15.19 -6.13
C ALA B 109 -14.14 -16.33 -6.47
N ALA B 110 -13.80 -17.14 -7.47
CA ALA B 110 -14.67 -18.26 -7.88
C ALA B 110 -13.93 -19.51 -7.37
N LEU B 111 -14.41 -20.00 -6.23
CA LEU B 111 -13.80 -21.11 -5.53
C LEU B 111 -14.26 -22.51 -5.95
N ARG B 112 -13.32 -23.45 -5.82
CA ARG B 112 -13.55 -24.87 -6.09
C ARG B 112 -12.59 -25.61 -5.19
N GLY B 113 -13.01 -26.78 -4.70
CA GLY B 113 -12.15 -27.58 -3.86
C GLY B 113 -11.52 -26.88 -2.66
N ALA B 114 -10.26 -27.22 -2.42
CA ALA B 114 -9.51 -26.70 -1.29
C ALA B 114 -9.19 -25.21 -1.36
N VAL B 115 -9.59 -24.51 -0.30
CA VAL B 115 -9.34 -23.07 -0.07
C VAL B 115 -8.74 -23.17 1.34
N VAL B 116 -7.43 -23.41 1.38
CA VAL B 116 -6.79 -23.66 2.67
C VAL B 116 -5.53 -22.89 3.02
N GLY B 117 -5.39 -22.55 4.31
CA GLY B 117 -4.22 -21.83 4.78
C GLY B 117 -4.08 -20.51 4.03
N GLY B 118 -2.90 -20.27 3.46
CA GLY B 118 -2.70 -19.04 2.70
C GLY B 118 -3.64 -18.94 1.51
N GLY B 119 -4.26 -20.06 1.15
CA GLY B 119 -5.22 -20.06 0.05
C GLY B 119 -6.50 -19.39 0.52
N LEU B 120 -6.84 -19.56 1.80
CA LEU B 120 -8.03 -18.91 2.37
C LEU B 120 -7.63 -17.44 2.55
N ALA B 121 -6.36 -17.20 2.89
CA ALA B 121 -5.89 -15.82 3.05
C ALA B 121 -6.10 -15.10 1.72
N LEU B 122 -5.76 -15.75 0.61
CA LEU B 122 -5.91 -15.14 -0.71
C LEU B 122 -7.38 -14.90 -1.06
N ALA B 123 -8.24 -15.89 -0.81
CA ALA B 123 -9.66 -15.76 -1.08
C ALA B 123 -10.27 -14.63 -0.21
N SER B 124 -9.74 -14.48 1.00
CA SER B 124 -10.22 -13.46 1.93
C SER B 124 -9.85 -12.05 1.50
N ALA B 125 -8.80 -11.92 0.68
CA ALA B 125 -8.35 -10.61 0.18
C ALA B 125 -9.24 -10.09 -0.94
N ALA B 126 -10.15 -10.90 -1.42
CA ALA B 126 -11.10 -10.49 -2.46
C ALA B 126 -12.32 -9.89 -1.76
N HIS B 127 -13.10 -9.06 -2.46
CA HIS B 127 -14.32 -8.50 -1.85
C HIS B 127 -15.42 -9.54 -1.70
N LEU B 128 -15.65 -10.31 -2.77
CA LEU B 128 -16.69 -11.32 -2.78
C LEU B 128 -16.11 -12.70 -3.06
N ARG B 129 -16.72 -13.72 -2.47
CA ARG B 129 -16.29 -15.11 -2.66
C ARG B 129 -17.53 -15.90 -3.11
N VAL B 130 -17.37 -16.74 -4.13
CA VAL B 130 -18.46 -17.59 -4.63
C VAL B 130 -17.95 -19.04 -4.48
N MET B 131 -18.66 -19.84 -3.69
CA MET B 131 -18.23 -21.23 -3.49
C MET B 131 -19.18 -22.20 -4.17
N ASP B 132 -18.67 -23.38 -4.53
CA ASP B 132 -19.52 -24.40 -5.14
C ASP B 132 -19.62 -25.60 -4.20
N GLN B 133 -20.23 -26.69 -4.67
CA GLN B 133 -20.40 -27.86 -3.81
C GLN B 133 -19.16 -28.66 -3.48
N SER B 134 -18.05 -28.36 -4.14
CA SER B 134 -16.80 -29.09 -3.91
C SER B 134 -15.86 -28.33 -2.99
N THR B 135 -16.22 -27.08 -2.74
CA THR B 135 -15.39 -26.17 -1.94
C THR B 135 -15.34 -26.44 -0.46
N TYR B 136 -14.15 -26.44 0.12
CA TYR B 136 -14.03 -26.61 1.56
C TYR B 136 -12.95 -25.67 2.07
N PHE B 137 -13.09 -25.27 3.34
CA PHE B 137 -12.17 -24.29 3.94
C PHE B 137 -11.48 -24.79 5.21
N ALA B 138 -10.23 -24.36 5.37
CA ALA B 138 -9.45 -24.73 6.55
C ALA B 138 -8.22 -23.85 6.68
N LEU B 139 -7.67 -23.81 7.89
CA LEU B 139 -6.41 -23.10 8.22
C LEU B 139 -5.66 -24.24 8.92
N PRO B 140 -5.08 -25.16 8.13
CA PRO B 140 -4.33 -26.32 8.64
C PRO B 140 -2.90 -26.04 9.04
N GLU B 141 -2.53 -24.76 9.09
CA GLU B 141 -1.16 -24.39 9.45
C GLU B 141 -0.58 -25.11 10.68
N GLY B 142 -1.37 -25.22 11.75
CA GLY B 142 -0.93 -25.87 12.98
C GLY B 142 -0.42 -27.29 12.77
N GLN B 143 -1.08 -28.00 11.85
CA GLN B 143 -0.68 -29.38 11.52
C GLN B 143 0.74 -29.38 10.95
N ARG B 144 1.07 -28.33 10.20
CA ARG B 144 2.40 -28.22 9.61
C ARG B 144 3.39 -27.63 10.60
N GLY B 145 2.90 -27.31 11.81
CA GLY B 145 3.73 -26.72 12.85
C GLY B 145 3.93 -25.20 12.74
N ILE B 146 3.20 -24.55 11.83
CA ILE B 146 3.42 -23.12 11.62
C ILE B 146 2.18 -22.22 11.75
N PHE B 147 2.40 -20.92 11.55
CA PHE B 147 1.37 -19.89 11.68
C PHE B 147 0.86 -19.54 10.28
N THR B 148 -0.28 -18.89 10.22
CA THR B 148 -0.86 -18.48 8.94
C THR B 148 -0.22 -17.17 8.50
N GLY B 149 -0.73 -16.60 7.41
CA GLY B 149 -0.15 -15.36 6.92
C GLY B 149 -1.10 -14.71 5.93
N GLY B 150 -0.59 -13.76 5.13
CA GLY B 150 -1.47 -13.12 4.16
C GLY B 150 -2.63 -12.37 4.81
N GLY B 151 -2.46 -11.99 6.07
CA GLY B 151 -3.52 -11.28 6.75
C GLY B 151 -4.76 -12.10 7.08
N ALA B 152 -4.65 -13.42 7.07
CA ALA B 152 -5.80 -14.26 7.41
C ALA B 152 -6.28 -13.98 8.84
N THR B 153 -5.36 -13.63 9.75
CA THR B 153 -5.79 -13.39 11.13
C THR B 153 -6.72 -12.19 11.23
N ILE B 154 -6.63 -11.30 10.24
CA ILE B 154 -7.41 -10.08 10.19
C ILE B 154 -8.69 -10.28 9.39
N ARG B 155 -8.50 -10.68 8.13
CA ARG B 155 -9.61 -10.85 7.21
C ARG B 155 -10.57 -11.99 7.55
N VAL B 156 -10.04 -13.16 7.89
CA VAL B 156 -10.94 -14.25 8.23
C VAL B 156 -11.68 -13.88 9.53
N SER B 157 -11.02 -13.16 10.45
CA SER B 157 -11.72 -12.76 11.68
C SER B 157 -12.89 -11.83 11.31
N ASP B 158 -12.68 -10.95 10.34
CA ASP B 158 -13.75 -10.05 9.88
C ASP B 158 -14.87 -10.88 9.21
N MET B 159 -14.48 -11.94 8.51
CA MET B 159 -15.45 -12.79 7.80
C MET B 159 -16.32 -13.68 8.68
N ILE B 160 -15.71 -14.34 9.66
CA ILE B 160 -16.48 -15.29 10.47
C ILE B 160 -16.47 -15.07 11.96
N GLY B 161 -15.74 -14.05 12.41
CA GLY B 161 -15.65 -13.78 13.83
C GLY B 161 -14.28 -14.19 14.35
N LYS B 162 -13.69 -13.32 15.16
CA LYS B 162 -12.39 -13.57 15.78
C LYS B 162 -12.29 -14.96 16.40
N TYR B 163 -13.29 -15.33 17.18
CA TYR B 163 -13.25 -16.62 17.86
C TYR B 163 -13.39 -17.85 16.96
N ARG B 164 -14.02 -17.68 15.80
CA ARG B 164 -14.13 -18.80 14.87
C ARG B 164 -12.83 -18.89 14.08
N MET B 165 -12.19 -17.74 13.85
CA MET B 165 -10.91 -17.74 13.16
C MET B 165 -9.90 -18.46 14.06
N ILE B 166 -9.91 -18.11 15.34
CA ILE B 166 -9.01 -18.75 16.31
C ILE B 166 -9.30 -20.26 16.34
N ASP B 167 -10.57 -20.64 16.41
CA ASP B 167 -10.95 -22.05 16.40
C ASP B 167 -10.37 -22.75 15.15
N MET B 168 -10.55 -22.16 13.97
CA MET B 168 -10.04 -22.80 12.78
C MET B 168 -8.54 -23.10 12.80
N ILE B 169 -7.73 -22.12 13.22
CA ILE B 169 -6.30 -22.38 13.22
C ILE B 169 -5.84 -23.19 14.42
N LEU B 170 -6.53 -23.05 15.55
CA LEU B 170 -6.15 -23.80 16.75
C LEU B 170 -6.51 -25.29 16.64
N THR B 171 -7.61 -25.61 15.96
CA THR B 171 -8.05 -26.99 15.84
C THR B 171 -7.96 -27.63 14.47
N GLY B 172 -7.76 -26.82 13.42
CA GLY B 172 -7.69 -27.38 12.08
C GLY B 172 -9.07 -27.74 11.53
N ARG B 173 -10.12 -27.26 12.21
CA ARG B 173 -11.50 -27.50 11.82
C ARG B 173 -11.79 -27.15 10.37
N VAL B 174 -12.50 -28.04 9.66
CA VAL B 174 -12.85 -27.84 8.26
C VAL B 174 -14.33 -27.49 8.11
N TYR B 175 -14.61 -26.56 7.20
CA TYR B 175 -15.97 -26.12 6.91
C TYR B 175 -16.25 -26.26 5.43
N GLN B 176 -17.49 -26.62 5.09
CA GLN B 176 -17.84 -26.76 3.68
C GLN B 176 -19.35 -26.66 3.51
N GLY B 177 -19.80 -26.61 2.27
CA GLY B 177 -21.23 -26.56 2.01
C GLY B 177 -21.94 -25.33 2.53
N GLN B 178 -23.25 -25.48 2.71
CA GLN B 178 -24.06 -24.39 3.19
C GLN B 178 -23.59 -23.88 4.55
N GLU B 179 -23.05 -24.78 5.38
CA GLU B 179 -22.58 -24.38 6.69
C GLU B 179 -21.47 -23.34 6.55
N ALA B 180 -20.59 -23.55 5.58
CA ALA B 180 -19.47 -22.62 5.37
C ALA B 180 -20.01 -21.27 4.93
N ALA B 181 -20.95 -21.28 3.99
CA ALA B 181 -21.52 -20.04 3.49
C ALA B 181 -22.16 -19.27 4.64
N ASP B 182 -22.99 -19.95 5.43
CA ASP B 182 -23.68 -19.30 6.55
C ASP B 182 -22.74 -18.76 7.61
N LEU B 183 -21.59 -19.41 7.78
CA LEU B 183 -20.59 -19.00 8.77
C LEU B 183 -19.95 -17.67 8.35
N GLY B 184 -19.95 -17.38 7.05
CA GLY B 184 -19.33 -16.16 6.56
C GLY B 184 -18.08 -16.39 5.74
N LEU B 185 -17.82 -17.63 5.32
CA LEU B 185 -16.64 -17.89 4.51
C LEU B 185 -16.85 -17.48 3.06
N ALA B 186 -18.10 -17.39 2.61
CA ALA B 186 -18.43 -16.95 1.24
C ALA B 186 -19.82 -16.35 1.21
N GLN B 187 -20.01 -15.27 0.46
CA GLN B 187 -21.31 -14.64 0.39
C GLN B 187 -22.26 -15.36 -0.54
N TYR B 188 -21.68 -16.13 -1.47
CA TYR B 188 -22.47 -16.85 -2.46
C TYR B 188 -22.10 -18.34 -2.53
N ILE B 189 -23.12 -19.19 -2.67
CA ILE B 189 -22.89 -20.63 -2.79
C ILE B 189 -23.77 -21.07 -3.94
N THR B 190 -23.22 -21.87 -4.85
CA THR B 190 -23.99 -22.31 -5.99
C THR B 190 -24.03 -23.82 -6.14
N GLU B 191 -25.08 -24.31 -6.81
CA GLU B 191 -25.23 -25.75 -7.07
C GLU B 191 -24.48 -26.05 -8.35
N GLY B 192 -24.20 -25.00 -9.11
CA GLY B 192 -23.50 -25.16 -10.36
C GLY B 192 -22.06 -24.68 -10.37
N SER B 193 -21.75 -23.93 -11.40
CA SER B 193 -20.41 -23.38 -11.62
C SER B 193 -20.19 -22.10 -10.83
N SER B 194 -19.20 -22.10 -9.94
CA SER B 194 -18.94 -20.88 -9.17
C SER B 194 -18.34 -19.85 -10.14
N PHE B 195 -17.63 -20.32 -11.16
CA PHE B 195 -17.05 -19.40 -12.11
C PHE B 195 -18.15 -18.65 -12.86
N ASP B 196 -19.18 -19.36 -13.31
CA ASP B 196 -20.24 -18.68 -14.04
C ASP B 196 -20.97 -17.69 -13.15
N LYS B 197 -21.15 -18.05 -11.88
CA LYS B 197 -21.81 -17.15 -10.95
C LYS B 197 -20.91 -15.91 -10.73
N ALA B 198 -19.61 -16.14 -10.55
CA ALA B 198 -18.68 -15.03 -10.35
C ALA B 198 -18.68 -14.09 -11.56
N MET B 199 -18.76 -14.66 -12.77
CA MET B 199 -18.77 -13.83 -13.97
C MET B 199 -20.04 -12.99 -14.07
N GLU B 200 -21.16 -13.56 -13.61
CA GLU B 200 -22.43 -12.84 -13.64
C GLU B 200 -22.34 -11.65 -12.69
N LEU B 201 -21.81 -11.88 -11.49
CA LEU B 201 -21.67 -10.79 -10.53
C LEU B 201 -20.70 -9.73 -11.08
N ALA B 202 -19.58 -10.18 -11.65
CA ALA B 202 -18.56 -9.29 -12.19
C ALA B 202 -19.07 -8.42 -13.32
N ASP B 203 -19.82 -9.02 -14.24
CA ASP B 203 -20.37 -8.25 -15.35
C ASP B 203 -21.32 -7.15 -14.84
N LYS B 204 -22.13 -7.46 -13.83
CA LYS B 204 -23.06 -6.47 -13.30
C LYS B 204 -22.24 -5.37 -12.63
N ILE B 205 -21.22 -5.77 -11.88
CA ILE B 205 -20.38 -4.77 -11.22
C ILE B 205 -19.71 -3.86 -12.24
N ALA B 206 -19.19 -4.43 -13.33
CA ALA B 206 -18.52 -3.63 -14.34
C ALA B 206 -19.44 -2.62 -15.02
N SER B 207 -20.75 -2.85 -14.93
CA SER B 207 -21.68 -1.92 -15.56
C SER B 207 -22.02 -0.75 -14.64
N ASN B 208 -21.50 -0.75 -13.41
CA ASN B 208 -21.76 0.38 -12.53
C ASN B 208 -20.68 1.43 -12.69
N LEU B 209 -20.81 2.57 -11.99
CA LEU B 209 -19.84 3.65 -12.16
C LEU B 209 -18.46 3.34 -11.58
N PRO B 210 -17.40 3.61 -12.36
CA PRO B 210 -16.05 3.33 -11.87
C PRO B 210 -15.64 4.00 -10.56
N LEU B 211 -16.02 5.27 -10.38
CA LEU B 211 -15.64 5.97 -9.14
C LEU B 211 -16.36 5.35 -7.95
N THR B 212 -17.63 5.04 -8.16
CA THR B 212 -18.45 4.47 -7.09
C THR B 212 -17.91 3.11 -6.68
N ASN B 213 -17.53 2.29 -7.66
CA ASN B 213 -16.96 0.99 -7.33
C ASN B 213 -15.63 1.17 -6.62
N PHE B 214 -14.85 2.16 -7.06
CA PHE B 214 -13.54 2.40 -6.44
C PHE B 214 -13.71 2.70 -4.95
N ALA B 215 -14.67 3.58 -4.65
CA ALA B 215 -14.94 3.97 -3.26
C ALA B 215 -15.39 2.77 -2.44
N ILE B 216 -16.33 2.01 -2.98
CA ILE B 216 -16.83 0.84 -2.27
C ILE B 216 -15.72 -0.17 -1.98
N CYS B 217 -14.84 -0.37 -2.96
CA CYS B 217 -13.78 -1.34 -2.82
C CYS B 217 -12.51 -0.91 -2.12
N SER B 218 -12.48 0.30 -1.59
CA SER B 218 -11.30 0.78 -0.88
C SER B 218 -11.68 1.51 0.42
N ALA B 219 -12.68 2.39 0.35
CA ALA B 219 -13.02 3.17 1.53
C ALA B 219 -13.61 2.40 2.71
N ILE B 220 -14.43 1.40 2.42
CA ILE B 220 -15.05 0.65 3.52
C ILE B 220 -14.02 -0.08 4.36
N SER B 221 -13.03 -0.71 3.74
CA SER B 221 -12.02 -1.38 4.54
C SER B 221 -11.25 -0.36 5.38
N HIS B 222 -10.88 0.79 4.80
CA HIS B 222 -10.15 1.79 5.59
C HIS B 222 -10.99 2.28 6.78
N MET B 223 -12.28 2.51 6.58
CA MET B 223 -13.08 3.02 7.68
C MET B 223 -13.28 2.05 8.83
N GLN B 224 -13.08 0.75 8.60
CA GLN B 224 -13.22 -0.22 9.70
C GLN B 224 -11.99 -0.14 10.62
N ASN B 225 -10.91 0.45 10.11
CA ASN B 225 -9.66 0.53 10.87
C ASN B 225 -9.57 1.65 11.89
N MET B 226 -10.60 2.47 12.00
CA MET B 226 -10.53 3.57 12.93
C MET B 226 -11.76 3.61 13.83
N SER B 227 -11.76 4.57 14.76
CA SER B 227 -12.92 4.74 15.63
C SER B 227 -14.09 5.13 14.72
N GLY B 228 -15.29 4.64 15.04
CA GLY B 228 -16.44 4.98 14.22
C GLY B 228 -16.74 6.47 14.19
N LEU B 229 -16.33 7.19 15.23
CA LEU B 229 -16.57 8.63 15.26
C LEU B 229 -15.69 9.36 14.26
N ASP B 230 -14.48 8.85 14.02
CA ASP B 230 -13.59 9.49 13.06
C ASP B 230 -13.93 8.98 11.66
N ALA B 231 -14.32 7.72 11.59
CA ALA B 231 -14.71 7.11 10.32
C ALA B 231 -15.88 7.88 9.70
N ALA B 232 -16.83 8.33 10.53
CA ALA B 232 -17.98 9.07 9.99
C ALA B 232 -17.53 10.34 9.24
N TYR B 233 -16.56 11.06 9.78
CA TYR B 233 -16.08 12.26 9.11
C TYR B 233 -15.50 11.87 7.75
N ALA B 234 -14.68 10.82 7.72
CA ALA B 234 -14.10 10.39 6.45
C ALA B 234 -15.21 9.96 5.47
N GLU B 235 -16.22 9.27 5.97
CA GLU B 235 -17.32 8.80 5.10
C GLU B 235 -18.02 9.97 4.41
N ALA B 236 -18.15 11.09 5.13
CA ALA B 236 -18.79 12.28 4.59
C ALA B 236 -17.99 12.84 3.41
N PHE B 237 -16.66 12.80 3.48
CA PHE B 237 -15.88 13.27 2.34
C PHE B 237 -15.95 12.30 1.15
N VAL B 238 -16.06 11.00 1.43
CA VAL B 238 -16.17 10.02 0.35
C VAL B 238 -17.52 10.27 -0.33
N GLY B 239 -18.57 10.39 0.49
CA GLY B 239 -19.89 10.68 -0.06
C GLY B 239 -19.92 11.99 -0.81
N GLY B 240 -19.21 13.00 -0.31
CA GLY B 240 -19.20 14.29 -0.98
C GLY B 240 -18.70 14.20 -2.42
N ILE B 241 -17.59 13.47 -2.62
CA ILE B 241 -17.03 13.33 -3.95
C ILE B 241 -17.85 12.38 -4.84
N VAL B 242 -18.19 11.21 -4.32
CA VAL B 242 -18.91 10.23 -5.12
C VAL B 242 -20.35 10.61 -5.48
N ASN B 243 -21.09 11.14 -4.50
CA ASN B 243 -22.50 11.45 -4.71
C ASN B 243 -22.83 12.67 -5.55
N THR B 244 -21.83 13.51 -5.82
CA THR B 244 -22.01 14.72 -6.62
C THR B 244 -21.32 14.60 -7.98
N GLN B 245 -20.84 13.41 -8.29
CA GLN B 245 -20.14 13.21 -9.56
C GLN B 245 -21.11 13.37 -10.73
N PRO B 246 -20.67 14.04 -11.80
CA PRO B 246 -21.55 14.23 -12.96
C PRO B 246 -22.11 12.95 -13.53
N ALA B 247 -21.31 11.89 -13.56
CA ALA B 247 -21.74 10.62 -14.13
C ALA B 247 -22.93 9.97 -13.46
N ALA B 248 -23.27 10.37 -12.24
CA ALA B 248 -24.40 9.75 -11.56
C ALA B 248 -25.70 10.54 -11.77
N ARG B 249 -25.62 11.73 -12.33
CA ARG B 249 -26.85 12.50 -12.49
C ARG B 249 -27.91 11.86 -13.38
N GLU B 250 -27.46 11.11 -14.38
CA GLU B 250 -28.39 10.44 -15.29
C GLU B 250 -29.20 9.41 -14.51
N ARG B 251 -28.54 8.72 -13.58
CA ARG B 251 -29.21 7.72 -12.77
C ARG B 251 -30.14 8.38 -11.76
N LEU B 252 -29.73 9.53 -11.23
CA LEU B 252 -30.58 10.23 -10.28
C LEU B 252 -31.80 10.73 -11.03
N GLU B 253 -31.59 11.23 -12.24
CA GLU B 253 -32.73 11.72 -13.02
C GLU B 253 -33.69 10.57 -13.34
N ALA B 254 -33.15 9.39 -13.62
CA ALA B 254 -33.98 8.22 -13.94
C ALA B 254 -34.88 7.87 -12.75
N PHE B 255 -34.38 8.07 -11.53
CA PHE B 255 -35.20 7.76 -10.39
C PHE B 255 -36.33 8.79 -10.25
N ALA B 256 -35.99 10.06 -10.48
CA ALA B 256 -36.97 11.12 -10.35
C ALA B 256 -38.08 11.02 -11.39
N ASN B 257 -37.76 10.56 -12.60
CA ASN B 257 -38.80 10.46 -13.64
C ASN B 257 -39.46 9.09 -13.74
N LYS B 258 -39.21 8.24 -12.76
CA LYS B 258 -39.80 6.90 -12.68
C LYS B 258 -39.37 5.89 -13.75
N THR B 259 -38.32 6.20 -14.51
CA THR B 259 -37.87 5.28 -15.54
C THR B 259 -36.94 4.22 -14.95
N ALA B 260 -36.44 4.47 -13.74
CA ALA B 260 -35.55 3.53 -13.07
C ALA B 260 -36.39 2.64 -12.14
N ALA B 261 -35.94 1.41 -11.95
CA ALA B 261 -36.65 0.46 -11.11
C ALA B 261 -36.54 0.80 -9.62
N ARG B 262 -37.59 0.48 -8.86
CA ARG B 262 -37.60 0.70 -7.42
C ARG B 262 -36.98 -0.56 -6.78
N VAL B 263 -36.70 -0.46 -5.47
CA VAL B 263 -36.15 -1.59 -4.73
C VAL B 263 -37.33 -2.41 -4.21
N ARG B 264 -37.41 -3.68 -4.62
CA ARG B 264 -38.50 -4.56 -4.21
C ARG B 264 -37.99 -5.82 -3.50
N PRO B 265 -38.85 -6.47 -2.70
CA PRO B 265 -38.43 -7.68 -1.99
C PRO B 265 -38.12 -8.76 -3.03
N ASN B 266 -37.38 -9.79 -2.62
CA ASN B 266 -37.04 -10.89 -3.53
C ASN B 266 -38.30 -11.69 -3.87
N SER B 267 -38.26 -12.39 -4.99
CA SER B 267 -39.39 -13.20 -5.43
C SER B 267 -39.30 -14.58 -4.79
#